data_3I83
#
_entry.id   3I83
#
_cell.length_a   75.851
_cell.length_b   79.179
_cell.length_c   100.626
_cell.angle_alpha   90.000
_cell.angle_beta   90.000
_cell.angle_gamma   90.000
#
_symmetry.space_group_name_H-M   'P 21 21 21'
#
loop_
_entity.id
_entity.type
_entity.pdbx_description
1 polymer '2-dehydropantoate 2-reductase'
2 non-polymer 'ACETIC ACID'
3 water water
#
_entity_poly.entity_id   1
_entity_poly.type   'polypeptide(L)'
_entity_poly.pdbx_seq_one_letter_code
;MSLNILVIGTGAIGSFYGALLAKTGHCVSVVSRSDYETVKAKGIRIRSATLGDYTFRPAAVVRSAAELETKPDCTLLCIK
VVEGADRVGLLRDAVAPDTGIVLISNGIDIEPEVAAAFPDNEVISGLAFIGVTRTAPGEIWHQAYGRLMLGNYPGGVSER
VKTLAAAFEEAGIDGIATENITTARWQKCVWNAAFNPLSVLSGGLDTLDILSTQEGFVRAIMQEIRAVAAANGHPLPEDI
VEKNVASTYKMPPYKTSMLVDFEAGQPMETEVILGNAVRAGRRTRVAIPHLESVYALMKLLELRTSKSLWGNEGHHHHHH
;
_entity_poly.pdbx_strand_id   A,B
#
loop_
_chem_comp.id
_chem_comp.type
_chem_comp.name
_chem_comp.formula
ACY non-polymer 'ACETIC ACID' 'C2 H4 O2'
#
# COMPACT_ATOMS: atom_id res chain seq x y z
N LEU A 3 -8.15 4.19 44.49
CA LEU A 3 -8.35 5.35 43.56
C LEU A 3 -9.76 5.36 42.98
N ASN A 4 -10.28 6.57 42.82
CA ASN A 4 -11.52 6.80 42.11
C ASN A 4 -11.25 6.95 40.61
N ILE A 5 -11.70 5.95 39.85
CA ILE A 5 -11.43 5.82 38.40
C ILE A 5 -12.72 6.01 37.59
N LEU A 6 -12.63 6.84 36.56
CA LEU A 6 -13.71 7.00 35.59
C LEU A 6 -13.33 6.49 34.17
N VAL A 7 -14.03 5.48 33.66
CA VAL A 7 -13.74 5.02 32.31
C VAL A 7 -14.72 5.67 31.35
N ILE A 8 -14.22 6.30 30.30
CA ILE A 8 -15.10 6.92 29.32
C ILE A 8 -15.46 5.90 28.25
N GLY A 9 -16.72 5.48 28.25
CA GLY A 9 -17.23 4.59 27.21
C GLY A 9 -17.16 3.12 27.60
N THR A 10 -17.67 2.26 26.73
CA THR A 10 -17.75 0.82 27.01
C THR A 10 -16.96 0.02 25.98
N GLY A 11 -16.00 0.68 25.36
CA GLY A 11 -15.06 0.02 24.43
C GLY A 11 -14.27 -1.11 25.08
N ALA A 12 -13.63 -1.94 24.24
CA ALA A 12 -12.98 -3.13 24.77
C ALA A 12 -11.76 -2.79 25.67
N ILE A 13 -10.95 -1.84 25.23
CA ILE A 13 -9.71 -1.53 25.97
C ILE A 13 -10.01 -0.90 27.34
N GLY A 14 -10.85 0.13 27.33
CA GLY A 14 -11.31 0.75 28.54
C GLY A 14 -11.93 -0.25 29.52
N SER A 15 -12.75 -1.17 29.00
CA SER A 15 -13.50 -2.09 29.85
C SER A 15 -12.55 -3.14 30.40
N PHE A 16 -11.63 -3.59 29.57
CA PHE A 16 -10.66 -4.55 30.01
C PHE A 16 -9.83 -4.01 31.18
N TYR A 17 -9.16 -2.86 30.96
CA TYR A 17 -8.25 -2.29 31.99
C TYR A 17 -9.01 -1.71 33.21
N GLY A 18 -10.15 -1.07 32.96
CA GLY A 18 -11.09 -0.69 34.05
C GLY A 18 -11.43 -1.86 34.99
N ALA A 19 -11.80 -2.99 34.40
CA ALA A 19 -12.19 -4.17 35.19
C ALA A 19 -11.04 -4.70 36.04
N LEU A 20 -9.83 -4.69 35.46
CA LEU A 20 -8.64 -5.04 36.24
C LEU A 20 -8.47 -4.14 37.46
N LEU A 21 -8.78 -2.86 37.30
CA LEU A 21 -8.66 -1.90 38.40
C LEU A 21 -9.73 -2.19 39.48
N ALA A 22 -10.94 -2.53 39.02
CA ALA A 22 -12.06 -2.92 39.91
C ALA A 22 -11.71 -4.18 40.70
N LYS A 23 -11.15 -5.19 40.03
CA LYS A 23 -10.71 -6.41 40.69
C LYS A 23 -9.77 -6.10 41.83
N THR A 24 -8.86 -5.15 41.61
CA THR A 24 -7.80 -4.88 42.58
C THR A 24 -8.20 -3.81 43.62
N GLY A 25 -9.51 -3.60 43.79
CA GLY A 25 -10.03 -2.81 44.90
C GLY A 25 -10.26 -1.34 44.63
N HIS A 26 -10.03 -0.90 43.39
CA HIS A 26 -10.25 0.50 43.05
C HIS A 26 -11.72 0.70 42.76
N CYS A 27 -12.16 1.93 42.91
CA CYS A 27 -13.57 2.27 42.77
C CYS A 27 -13.80 2.74 41.34
N VAL A 28 -14.31 1.87 40.48
CA VAL A 28 -14.33 2.20 39.04
C VAL A 28 -15.73 2.46 38.52
N SER A 29 -15.93 3.66 37.96
CA SER A 29 -17.19 4.08 37.37
C SER A 29 -17.09 4.22 35.85
N VAL A 30 -18.24 4.18 35.17
CA VAL A 30 -18.27 4.19 33.69
C VAL A 30 -19.31 5.18 33.15
N VAL A 31 -18.88 5.98 32.16
CA VAL A 31 -19.77 6.78 31.32
C VAL A 31 -20.16 5.95 30.12
N SER A 32 -21.45 5.64 30.01
CA SER A 32 -21.96 4.79 28.92
C SER A 32 -23.10 5.47 28.17
N ARG A 33 -23.00 5.51 26.84
CA ARG A 33 -24.03 6.14 26.00
C ARG A 33 -24.95 5.04 25.47
N SER A 34 -24.40 4.22 24.58
CA SER A 34 -25.13 3.23 23.81
C SER A 34 -25.76 2.17 24.71
N ASP A 35 -24.89 1.61 25.54
CA ASP A 35 -25.13 0.41 26.32
C ASP A 35 -25.51 0.74 27.76
N TYR A 36 -26.05 1.93 28.02
CA TYR A 36 -26.30 2.38 29.38
C TYR A 36 -27.13 1.37 30.21
N GLU A 37 -28.28 0.97 29.70
CA GLU A 37 -29.23 0.22 30.53
C GLU A 37 -28.66 -1.13 30.89
N THR A 38 -28.03 -1.78 29.92
CA THR A 38 -27.54 -3.15 30.15
C THR A 38 -26.30 -3.11 31.01
N VAL A 39 -25.47 -2.08 30.85
CA VAL A 39 -24.25 -2.01 31.66
C VAL A 39 -24.58 -1.61 33.11
N LYS A 40 -25.51 -0.68 33.27
CA LYS A 40 -25.96 -0.28 34.60
C LYS A 40 -26.62 -1.46 35.37
N ALA A 41 -27.42 -2.26 34.65
CA ALA A 41 -28.20 -3.35 35.27
C ALA A 41 -27.37 -4.62 35.49
N LYS A 42 -26.53 -4.96 34.51
CA LYS A 42 -25.87 -6.26 34.47
C LYS A 42 -24.32 -6.23 34.37
N GLY A 43 -23.76 -5.02 34.19
CA GLY A 43 -22.33 -4.81 34.14
C GLY A 43 -21.71 -5.22 32.80
N ILE A 44 -20.41 -5.52 32.86
CA ILE A 44 -19.63 -5.88 31.67
C ILE A 44 -18.98 -7.23 31.95
N ARG A 45 -19.27 -8.19 31.08
CA ARG A 45 -18.78 -9.53 31.23
C ARG A 45 -17.50 -9.65 30.43
N ILE A 46 -16.39 -9.96 31.10
CA ILE A 46 -15.10 -10.12 30.44
C ILE A 46 -14.74 -11.59 30.38
N ARG A 47 -14.74 -12.14 29.18
CA ARG A 47 -14.28 -13.50 28.94
C ARG A 47 -12.76 -13.52 28.73
N SER A 48 -12.05 -14.36 29.50
CA SER A 48 -10.59 -14.53 29.37
C SER A 48 -10.11 -15.92 29.78
N ALA A 49 -9.60 -16.68 28.79
CA ALA A 49 -8.96 -17.98 29.06
C ALA A 49 -7.77 -17.91 30.03
N THR A 50 -7.00 -16.81 29.98
CA THR A 50 -5.76 -16.71 30.79
C THR A 50 -5.95 -16.10 32.18
N LEU A 51 -6.97 -15.25 32.33
CA LEU A 51 -7.26 -14.56 33.58
C LEU A 51 -8.48 -15.10 34.33
N GLY A 52 -9.34 -15.84 33.62
CA GLY A 52 -10.64 -16.25 34.16
C GLY A 52 -11.70 -15.21 33.82
N ASP A 53 -12.90 -15.67 33.51
CA ASP A 53 -13.99 -14.77 33.14
C ASP A 53 -14.30 -13.89 34.33
N TYR A 54 -14.72 -12.65 34.07
CA TYR A 54 -14.97 -11.70 35.15
C TYR A 54 -16.20 -10.90 34.80
N THR A 55 -17.05 -10.70 35.80
CA THR A 55 -18.17 -9.78 35.70
C THR A 55 -17.83 -8.43 36.37
N PHE A 56 -17.71 -7.41 35.54
CA PHE A 56 -17.31 -6.07 35.96
C PHE A 56 -18.59 -5.29 36.22
N ARG A 57 -18.84 -5.01 37.50
CA ARG A 57 -19.99 -4.22 37.92
C ARG A 57 -19.46 -2.87 38.39
N PRO A 58 -19.57 -1.81 37.54
CA PRO A 58 -19.01 -0.50 37.94
C PRO A 58 -19.63 0.04 39.22
N ALA A 59 -18.86 0.84 39.95
CA ALA A 59 -19.32 1.45 41.16
C ALA A 59 -20.53 2.32 40.86
N ALA A 60 -20.45 3.05 39.74
CA ALA A 60 -21.52 3.83 39.20
C ALA A 60 -21.49 3.73 37.68
N VAL A 61 -22.65 3.77 37.05
CA VAL A 61 -22.75 3.93 35.61
C VAL A 61 -23.64 5.13 35.29
N VAL A 62 -23.10 6.06 34.50
CA VAL A 62 -23.78 7.30 34.18
C VAL A 62 -23.83 7.55 32.68
N ARG A 63 -24.88 8.25 32.26
CA ARG A 63 -25.02 8.72 30.90
C ARG A 63 -24.02 9.85 30.59
N SER A 64 -23.66 10.61 31.64
CA SER A 64 -22.79 11.78 31.48
C SER A 64 -21.92 11.94 32.70
N ALA A 65 -20.67 12.37 32.48
CA ALA A 65 -19.73 12.64 33.56
C ALA A 65 -20.28 13.71 34.51
N ALA A 66 -21.01 14.67 33.93
CA ALA A 66 -21.78 15.67 34.68
C ALA A 66 -22.51 15.09 35.89
N GLU A 67 -23.09 13.90 35.72
CA GLU A 67 -23.93 13.27 36.74
C GLU A 67 -23.19 12.68 37.95
N LEU A 68 -21.85 12.66 37.90
CA LEU A 68 -21.06 12.11 39.01
C LEU A 68 -21.14 12.94 40.30
N GLU A 69 -20.84 12.30 41.42
CA GLU A 69 -20.77 12.98 42.73
C GLU A 69 -19.31 13.17 43.16
N THR A 70 -18.59 12.06 43.32
CA THR A 70 -17.15 12.08 43.63
C THR A 70 -16.38 12.18 42.32
N LYS A 71 -15.49 13.17 42.18
CA LYS A 71 -14.81 13.31 40.89
C LYS A 71 -13.57 12.40 40.83
N PRO A 72 -13.17 12.03 39.59
CA PRO A 72 -12.16 11.01 39.50
C PRO A 72 -10.76 11.51 39.78
N ASP A 73 -9.99 10.63 40.39
CA ASP A 73 -8.57 10.75 40.49
C ASP A 73 -7.96 10.53 39.09
N CYS A 74 -8.44 9.50 38.39
CA CYS A 74 -8.00 9.18 37.04
C CYS A 74 -9.20 8.97 36.10
N THR A 75 -9.12 9.60 34.93
CA THR A 75 -10.08 9.41 33.86
C THR A 75 -9.39 8.69 32.69
N LEU A 76 -9.93 7.53 32.32
CA LEU A 76 -9.34 6.63 31.35
C LEU A 76 -10.06 6.80 30.03
N LEU A 77 -9.34 7.27 29.03
CA LEU A 77 -9.88 7.47 27.70
C LEU A 77 -9.11 6.64 26.70
N CYS A 78 -9.76 5.66 26.09
CA CYS A 78 -9.07 4.62 25.32
C CYS A 78 -9.51 4.50 23.83
N ILE A 79 -10.21 5.49 23.32
CA ILE A 79 -10.73 5.44 21.95
C ILE A 79 -9.59 5.53 20.91
N LYS A 80 -9.86 5.01 19.71
CA LYS A 80 -8.90 5.11 18.60
C LYS A 80 -8.80 6.55 18.20
N VAL A 81 -7.57 7.03 18.02
CA VAL A 81 -7.40 8.42 17.64
C VAL A 81 -7.50 8.54 16.12
N VAL A 82 -8.72 8.81 15.66
CA VAL A 82 -9.00 9.04 14.24
C VAL A 82 -9.87 10.28 14.07
N GLU A 83 -10.06 10.72 12.83
CA GLU A 83 -10.87 11.93 12.61
C GLU A 83 -12.23 11.86 13.30
N GLY A 84 -12.59 12.93 14.02
CA GLY A 84 -13.88 13.02 14.74
C GLY A 84 -13.98 12.33 16.09
N ALA A 85 -12.90 11.72 16.55
CA ALA A 85 -12.82 11.12 17.88
C ALA A 85 -13.12 12.16 18.98
N ASP A 86 -12.63 13.40 18.81
CA ASP A 86 -12.90 14.53 19.73
C ASP A 86 -12.67 14.18 21.20
N ARG A 87 -11.44 13.72 21.47
CA ARG A 87 -11.03 13.39 22.84
C ARG A 87 -11.21 14.56 23.80
N VAL A 88 -10.93 15.78 23.36
CA VAL A 88 -11.06 16.93 24.25
C VAL A 88 -12.53 17.10 24.66
N GLY A 89 -13.43 17.01 23.67
CA GLY A 89 -14.87 17.07 23.94
C GLY A 89 -15.37 15.97 24.89
N LEU A 90 -14.88 14.74 24.71
CA LEU A 90 -15.25 13.62 25.57
C LEU A 90 -14.77 13.80 27.00
N LEU A 91 -13.68 14.53 27.19
CA LEU A 91 -13.12 14.78 28.54
C LEU A 91 -13.70 16.00 29.27
N ARG A 92 -14.23 16.97 28.51
CA ARG A 92 -14.68 18.30 28.99
C ARG A 92 -15.25 18.32 30.42
N ASP A 93 -16.17 17.40 30.72
CA ASP A 93 -16.83 17.36 32.02
C ASP A 93 -16.29 16.29 32.98
N ALA A 94 -15.22 15.61 32.56
CA ALA A 94 -14.78 14.43 33.29
C ALA A 94 -13.44 14.66 33.95
N VAL A 95 -13.00 15.92 33.95
CA VAL A 95 -11.68 16.27 34.47
C VAL A 95 -11.73 17.41 35.48
N ALA A 96 -11.28 17.14 36.69
CA ALA A 96 -11.11 18.14 37.76
C ALA A 96 -9.62 18.53 37.85
N PRO A 97 -9.31 19.67 38.53
CA PRO A 97 -7.92 20.12 38.70
C PRO A 97 -6.93 18.97 38.92
N ASP A 98 -7.19 18.15 39.93
CA ASP A 98 -6.31 17.08 40.34
C ASP A 98 -6.45 15.78 39.51
N THR A 99 -7.35 15.76 38.53
CA THR A 99 -7.61 14.49 37.80
C THR A 99 -6.43 14.20 36.87
N GLY A 100 -5.92 12.98 36.94
CA GLY A 100 -4.98 12.49 35.95
C GLY A 100 -5.71 11.95 34.73
N ILE A 101 -5.39 12.48 33.57
CA ILE A 101 -5.94 11.98 32.32
C ILE A 101 -5.10 10.85 31.76
N VAL A 102 -5.68 9.63 31.75
CA VAL A 102 -5.00 8.43 31.24
C VAL A 102 -5.43 8.11 29.79
N LEU A 103 -4.53 8.31 28.84
CA LEU A 103 -4.80 8.12 27.44
C LEU A 103 -4.18 6.79 27.01
N ILE A 104 -5.01 5.79 26.73
CA ILE A 104 -4.47 4.51 26.28
C ILE A 104 -4.87 4.40 24.81
N SER A 105 -3.90 4.61 23.94
CA SER A 105 -4.14 4.40 22.53
C SER A 105 -2.84 4.15 21.77
N ASN A 106 -2.94 3.52 20.60
CA ASN A 106 -1.84 3.35 19.68
C ASN A 106 -1.45 4.70 19.11
N GLY A 107 -0.24 4.76 18.59
CA GLY A 107 0.18 5.89 17.80
C GLY A 107 1.37 6.63 18.40
N ILE A 108 1.85 7.62 17.66
CA ILE A 108 2.90 8.51 18.17
C ILE A 108 2.32 9.90 18.26
N ASP A 109 2.88 10.69 19.18
CA ASP A 109 2.42 12.05 19.37
C ASP A 109 0.92 12.15 19.61
N ILE A 110 0.35 11.24 20.35
CA ILE A 110 -1.08 11.33 20.66
C ILE A 110 -1.40 12.26 21.86
N GLU A 111 -0.39 12.59 22.66
CA GLU A 111 -0.61 13.35 23.89
C GLU A 111 -0.80 14.87 23.75
N PRO A 112 -0.06 15.54 22.84
CA PRO A 112 -0.02 17.01 22.89
C PRO A 112 -1.36 17.71 22.75
N GLU A 113 -2.25 17.22 21.89
CA GLU A 113 -3.62 17.82 21.74
C GLU A 113 -4.36 17.85 23.08
N VAL A 114 -4.24 16.80 23.87
CA VAL A 114 -4.91 16.73 25.15
C VAL A 114 -4.12 17.59 26.17
N ALA A 115 -2.81 17.38 26.25
CA ALA A 115 -1.95 18.14 27.18
C ALA A 115 -2.16 19.67 27.04
N ALA A 116 -2.25 20.12 25.79
CA ALA A 116 -2.48 21.54 25.48
C ALA A 116 -3.81 22.04 25.99
N ALA A 117 -4.85 21.23 25.84
CA ALA A 117 -6.21 21.61 26.24
C ALA A 117 -6.41 21.56 27.72
N PHE A 118 -5.61 20.74 28.41
CA PHE A 118 -5.61 20.69 29.86
C PHE A 118 -4.18 20.82 30.47
N PRO A 119 -3.57 22.03 30.37
CA PRO A 119 -2.16 22.25 30.74
C PRO A 119 -1.81 22.09 32.22
N ASP A 120 -2.83 22.11 33.10
CA ASP A 120 -2.57 21.90 34.54
C ASP A 120 -2.89 20.52 35.03
N ASN A 121 -3.23 19.61 34.11
CA ASN A 121 -3.56 18.27 34.52
C ASN A 121 -2.45 17.34 34.15
N GLU A 122 -2.18 16.37 35.01
CA GLU A 122 -1.27 15.26 34.74
C GLU A 122 -1.79 14.45 33.56
N VAL A 123 -0.93 14.13 32.60
CA VAL A 123 -1.30 13.29 31.48
C VAL A 123 -0.48 12.03 31.63
N ILE A 124 -1.17 10.90 31.72
CA ILE A 124 -0.60 9.58 31.88
C ILE A 124 -0.86 8.86 30.54
N SER A 125 0.21 8.59 29.81
CA SER A 125 0.13 7.96 28.51
C SER A 125 0.32 6.45 28.61
N GLY A 126 -0.56 5.71 27.93
CA GLY A 126 -0.57 4.26 27.99
C GLY A 126 -0.35 3.60 26.63
N LEU A 127 0.53 2.60 26.62
CA LEU A 127 0.86 1.84 25.46
C LEU A 127 0.51 0.38 25.75
N ALA A 128 -0.62 -0.08 25.20
CA ALA A 128 -1.12 -1.41 25.40
C ALA A 128 -0.69 -2.35 24.29
N PHE A 129 -0.38 -3.58 24.68
CA PHE A 129 -0.11 -4.66 23.75
C PHE A 129 -1.12 -5.73 24.10
N ILE A 130 -2.20 -5.81 23.34
CA ILE A 130 -3.36 -6.60 23.74
C ILE A 130 -4.22 -6.96 22.53
N GLY A 131 -4.86 -8.12 22.60
CA GLY A 131 -5.89 -8.54 21.64
C GLY A 131 -7.16 -8.66 22.45
N VAL A 132 -8.07 -7.71 22.29
CA VAL A 132 -9.31 -7.71 23.02
C VAL A 132 -10.36 -7.13 22.06
N THR A 133 -11.58 -7.64 22.17
CA THR A 133 -12.68 -7.18 21.29
C THR A 133 -13.96 -7.11 22.08
N ARG A 134 -14.81 -6.16 21.68
CA ARG A 134 -16.18 -6.04 22.16
C ARG A 134 -17.07 -6.84 21.21
N THR A 135 -17.65 -7.93 21.74
CA THR A 135 -18.45 -8.85 20.93
C THR A 135 -19.96 -8.51 20.96
N ALA A 136 -20.39 -7.84 22.02
CA ALA A 136 -21.79 -7.42 22.17
C ALA A 136 -21.88 -6.38 23.27
N PRO A 137 -23.02 -5.64 23.34
CA PRO A 137 -23.24 -4.74 24.47
C PRO A 137 -22.93 -5.44 25.82
N GLY A 138 -21.97 -4.89 26.55
CA GLY A 138 -21.62 -5.43 27.87
C GLY A 138 -20.83 -6.74 27.79
N GLU A 139 -20.29 -7.03 26.60
CA GLU A 139 -19.60 -8.30 26.37
C GLU A 139 -18.22 -8.04 25.76
N ILE A 140 -17.18 -8.38 26.53
CA ILE A 140 -15.80 -8.22 26.09
C ILE A 140 -15.07 -9.57 26.12
N TRP A 141 -14.29 -9.79 25.06
CA TRP A 141 -13.48 -10.99 24.94
C TRP A 141 -12.00 -10.68 24.77
N HIS A 142 -11.23 -11.04 25.81
CA HIS A 142 -9.78 -10.91 25.88
C HIS A 142 -9.15 -12.13 25.27
N GLN A 143 -8.50 -11.96 24.13
CA GLN A 143 -7.90 -13.08 23.40
C GLN A 143 -6.39 -13.25 23.49
N ALA A 144 -5.63 -12.18 23.76
CA ALA A 144 -4.18 -12.29 23.65
C ALA A 144 -3.42 -11.16 24.35
N TYR A 145 -2.21 -11.45 24.80
CA TYR A 145 -1.33 -10.46 25.45
C TYR A 145 -2.07 -9.74 26.59
N GLY A 146 -1.88 -8.43 26.73
CA GLY A 146 -2.44 -7.70 27.85
C GLY A 146 -1.50 -6.64 28.40
N ARG A 147 -0.20 -6.74 28.13
CA ARG A 147 0.77 -5.83 28.77
C ARG A 147 0.39 -4.39 28.55
N LEU A 148 0.57 -3.59 29.60
CA LEU A 148 0.34 -2.18 29.53
C LEU A 148 1.56 -1.42 30.06
N MET A 149 2.17 -0.55 29.25
CA MET A 149 3.18 0.41 29.76
C MET A 149 2.52 1.76 29.98
N LEU A 150 2.86 2.41 31.10
CA LEU A 150 2.24 3.66 31.51
C LEU A 150 3.37 4.60 31.95
N GLY A 151 3.32 5.85 31.57
CA GLY A 151 4.24 6.87 32.08
C GLY A 151 3.66 8.27 31.92
N ASN A 152 4.17 9.24 32.68
CA ASN A 152 3.75 10.60 32.42
C ASN A 152 4.25 11.14 31.09
N TYR A 153 3.42 11.92 30.46
CA TYR A 153 3.85 12.71 29.33
C TYR A 153 4.15 14.13 29.84
N PRO A 154 5.26 14.71 29.40
CA PRO A 154 6.31 14.28 28.50
C PRO A 154 7.30 13.22 29.01
N GLY A 155 7.34 12.94 30.29
CA GLY A 155 8.26 11.96 30.84
C GLY A 155 8.07 11.94 32.34
N GLY A 156 8.66 10.93 32.97
CA GLY A 156 8.59 10.80 34.43
C GLY A 156 7.51 9.81 34.85
N VAL A 157 7.45 9.57 36.17
CA VAL A 157 6.57 8.55 36.78
C VAL A 157 6.11 9.09 38.12
N SER A 158 4.86 9.48 38.15
CA SER A 158 4.22 10.03 39.35
C SER A 158 3.78 8.88 40.24
N GLU A 159 3.49 9.20 41.49
CA GLU A 159 2.94 8.21 42.40
C GLU A 159 1.66 7.57 41.86
N ARG A 160 0.81 8.36 41.23
CA ARG A 160 -0.40 7.86 40.60
C ARG A 160 -0.13 6.85 39.49
N VAL A 161 0.84 7.17 38.63
CA VAL A 161 1.30 6.18 37.67
C VAL A 161 1.77 4.91 38.33
N LYS A 162 2.48 5.00 39.45
CA LYS A 162 3.03 3.77 40.01
C LYS A 162 1.89 2.98 40.70
N THR A 163 0.87 3.69 41.19
CA THR A 163 -0.28 3.02 41.81
C THR A 163 -1.01 2.22 40.74
N LEU A 164 -1.25 2.85 39.59
CA LEU A 164 -1.88 2.18 38.45
C LEU A 164 -1.11 0.96 38.01
N ALA A 165 0.20 1.12 37.77
CA ALA A 165 1.00 0.02 37.29
C ALA A 165 0.93 -1.21 38.21
N ALA A 166 1.05 -0.99 39.51
CA ALA A 166 1.14 -2.08 40.47
C ALA A 166 -0.20 -2.80 40.52
N ALA A 167 -1.26 -2.03 40.41
CA ALA A 167 -2.63 -2.56 40.34
C ALA A 167 -2.73 -3.55 39.19
N PHE A 168 -2.32 -3.15 37.98
CA PHE A 168 -2.40 -4.04 36.82
C PHE A 168 -1.58 -5.27 37.03
N GLU A 169 -0.38 -5.10 37.57
CA GLU A 169 0.49 -6.21 37.90
C GLU A 169 -0.20 -7.17 38.90
N GLU A 170 -0.82 -6.61 39.93
CA GLU A 170 -1.57 -7.42 40.91
C GLU A 170 -2.70 -8.17 40.20
N ALA A 171 -3.33 -7.52 39.23
CA ALA A 171 -4.39 -8.14 38.41
C ALA A 171 -3.92 -9.22 37.43
N GLY A 172 -2.62 -9.51 37.32
CA GLY A 172 -2.16 -10.61 36.49
C GLY A 172 -1.69 -10.32 35.07
N ILE A 173 -1.48 -9.05 34.74
CA ILE A 173 -0.87 -8.66 33.48
C ILE A 173 0.39 -7.87 33.78
N ASP A 174 1.23 -7.67 32.77
CA ASP A 174 2.38 -6.78 32.93
C ASP A 174 1.89 -5.36 33.07
N GLY A 175 2.04 -4.74 34.22
CA GLY A 175 1.84 -3.31 34.32
C GLY A 175 3.19 -2.65 34.56
N ILE A 176 3.71 -1.96 33.55
CA ILE A 176 5.05 -1.42 33.56
C ILE A 176 5.02 0.09 33.58
N ALA A 177 5.53 0.68 34.67
CA ALA A 177 5.71 2.11 34.77
C ALA A 177 7.01 2.41 34.03
N THR A 178 7.00 3.43 33.17
CA THR A 178 8.21 3.85 32.46
C THR A 178 8.38 5.35 32.54
N GLU A 179 9.64 5.74 32.80
CA GLU A 179 10.04 7.12 32.88
C GLU A 179 10.05 7.78 31.51
N ASN A 180 10.12 7.00 30.42
CA ASN A 180 10.17 7.60 29.07
C ASN A 180 9.14 6.94 28.15
N ILE A 181 7.88 7.24 28.38
CA ILE A 181 6.78 6.67 27.62
C ILE A 181 6.90 7.06 26.14
N THR A 182 7.41 8.25 25.84
CA THR A 182 7.52 8.70 24.48
C THR A 182 8.56 7.85 23.69
N THR A 183 9.70 7.56 24.31
CA THR A 183 10.69 6.64 23.72
C THR A 183 10.04 5.25 23.54
N ALA A 184 9.29 4.78 24.55
CA ALA A 184 8.54 3.54 24.37
C ALA A 184 7.61 3.54 23.12
N ARG A 185 6.91 4.65 22.89
CA ARG A 185 6.02 4.78 21.76
C ARG A 185 6.77 4.73 20.46
N TRP A 186 7.89 5.43 20.39
CA TRP A 186 8.75 5.31 19.23
C TRP A 186 9.24 3.90 19.00
N GLN A 187 9.62 3.20 20.06
CA GLN A 187 10.06 1.81 19.95
C GLN A 187 8.92 0.92 19.35
N LYS A 188 7.68 1.11 19.77
CA LYS A 188 6.58 0.35 19.15
C LYS A 188 6.36 0.76 17.70
N CYS A 189 6.57 2.03 17.41
CA CYS A 189 6.34 2.58 16.07
C CYS A 189 7.24 1.93 15.02
N VAL A 190 8.45 1.57 15.44
CA VAL A 190 9.40 0.85 14.59
C VAL A 190 8.73 -0.37 13.96
N TRP A 191 7.93 -1.11 14.74
CA TRP A 191 7.24 -2.28 14.26
C TRP A 191 5.94 -1.89 13.55
N ASN A 192 5.12 -1.07 14.19
CA ASN A 192 3.79 -0.95 13.61
CA ASN A 192 3.75 -0.72 13.74
C ASN A 192 3.76 -0.01 12.38
N ALA A 193 4.70 0.93 12.23
CA ALA A 193 4.74 1.76 11.04
C ALA A 193 5.20 0.98 9.83
N ALA A 194 5.89 -0.15 10.01
CA ALA A 194 6.19 -1.01 8.92
C ALA A 194 5.06 -2.04 8.60
N PHE A 195 4.79 -2.93 9.55
CA PHE A 195 3.89 -4.05 9.30
C PHE A 195 2.40 -3.67 9.14
N ASN A 196 1.91 -2.65 9.84
CA ASN A 196 0.50 -2.31 9.77
C ASN A 196 0.11 -1.85 8.35
N PRO A 197 0.79 -0.84 7.81
CA PRO A 197 0.39 -0.47 6.43
C PRO A 197 0.81 -1.49 5.37
N LEU A 198 1.95 -2.19 5.53
CA LEU A 198 2.29 -3.24 4.56
C LEU A 198 1.25 -4.41 4.53
N SER A 199 0.66 -4.70 5.68
CA SER A 199 -0.39 -5.74 5.80
C SER A 199 -1.65 -5.37 4.98
N VAL A 200 -2.00 -4.08 4.95
CA VAL A 200 -3.16 -3.57 4.23
C VAL A 200 -2.88 -3.36 2.73
N LEU A 201 -1.76 -2.69 2.43
CA LEU A 201 -1.40 -2.41 1.01
C LEU A 201 -1.11 -3.68 0.20
N SER A 202 -0.63 -4.74 0.85
CA SER A 202 -0.40 -6.02 0.20
C SER A 202 -1.73 -6.82 -0.05
N GLY A 203 -2.86 -6.31 0.41
CA GLY A 203 -4.13 -7.00 0.24
C GLY A 203 -4.31 -8.07 1.31
N GLY A 204 -3.61 -7.91 2.44
CA GLY A 204 -3.84 -8.81 3.63
C GLY A 204 -2.82 -9.89 3.97
N LEU A 205 -1.54 -9.64 3.75
CA LEU A 205 -0.53 -10.61 4.12
C LEU A 205 -0.32 -10.62 5.61
N ASP A 206 0.09 -11.79 6.13
CA ASP A 206 0.54 -11.91 7.52
C ASP A 206 1.99 -11.43 7.60
N THR A 207 2.44 -11.22 8.84
CA THR A 207 3.80 -10.70 9.16
C THR A 207 4.91 -11.51 8.56
N LEU A 208 4.78 -12.84 8.56
CA LEU A 208 5.85 -13.66 8.11
C LEU A 208 6.03 -13.62 6.58
N ASP A 209 4.94 -13.58 5.82
CA ASP A 209 5.06 -13.40 4.37
C ASP A 209 5.70 -12.01 4.08
N ILE A 210 5.33 -11.01 4.84
CA ILE A 210 5.86 -9.63 4.58
C ILE A 210 7.39 -9.62 4.79
N LEU A 211 7.80 -10.08 5.96
CA LEU A 211 9.18 -10.00 6.38
C LEU A 211 10.06 -10.96 5.62
N SER A 212 9.59 -12.17 5.33
CA SER A 212 10.45 -13.14 4.65
C SER A 212 10.72 -12.79 3.22
N THR A 213 9.78 -12.11 2.58
CA THR A 213 9.88 -11.76 1.14
C THR A 213 10.36 -10.31 0.90
N GLN A 214 10.20 -9.42 1.88
CA GLN A 214 10.70 -8.04 1.69
C GLN A 214 11.42 -7.51 2.92
N GLU A 215 12.32 -8.32 3.46
CA GLU A 215 13.05 -7.94 4.66
C GLU A 215 13.81 -6.61 4.48
N GLY A 216 14.41 -6.41 3.30
CA GLY A 216 15.14 -5.18 2.99
C GLY A 216 14.28 -3.92 3.11
N PHE A 217 13.05 -3.97 2.60
CA PHE A 217 12.10 -2.83 2.66
C PHE A 217 11.63 -2.60 4.13
N VAL A 218 11.29 -3.69 4.84
CA VAL A 218 10.91 -3.58 6.22
C VAL A 218 12.01 -2.91 7.02
N ARG A 219 13.25 -3.37 6.81
CA ARG A 219 14.40 -2.78 7.52
C ARG A 219 14.55 -1.31 7.19
N ALA A 220 14.39 -0.96 5.92
CA ALA A 220 14.53 0.41 5.50
C ALA A 220 13.55 1.35 6.22
N ILE A 221 12.31 0.90 6.32
CA ILE A 221 11.27 1.62 7.05
C ILE A 221 11.65 1.78 8.52
N MET A 222 12.01 0.66 9.12
CA MET A 222 12.37 0.64 10.53
C MET A 222 13.55 1.60 10.83
N GLN A 223 14.53 1.61 9.95
CA GLN A 223 15.71 2.50 10.13
C GLN A 223 15.32 3.95 10.03
N GLU A 224 14.39 4.29 9.13
CA GLU A 224 13.84 5.64 9.10
C GLU A 224 13.14 6.01 10.42
N ILE A 225 12.28 5.13 10.90
CA ILE A 225 11.57 5.42 12.15
C ILE A 225 12.60 5.68 13.27
N ARG A 226 13.64 4.83 13.32
CA ARG A 226 14.71 4.94 14.34
C ARG A 226 15.43 6.30 14.21
N ALA A 227 15.69 6.72 12.98
CA ALA A 227 16.31 8.03 12.74
C ALA A 227 15.42 9.19 13.17
N VAL A 228 14.11 9.12 12.87
CA VAL A 228 13.15 10.15 13.27
C VAL A 228 13.02 10.24 14.81
N ALA A 229 13.01 9.09 15.48
CA ALA A 229 12.96 9.08 16.95
C ALA A 229 14.17 9.82 17.54
N ALA A 230 15.38 9.50 17.10
CA ALA A 230 16.60 10.20 17.55
C ALA A 230 16.50 11.73 17.32
N ALA A 231 16.05 12.11 16.15
CA ALA A 231 15.97 13.52 15.77
C ALA A 231 14.95 14.29 16.54
N ASN A 232 13.96 13.59 17.12
CA ASN A 232 13.02 14.15 18.03
C ASN A 232 13.42 14.06 19.50
N GLY A 233 14.65 13.67 19.73
CA GLY A 233 15.23 13.59 21.08
C GLY A 233 14.85 12.37 21.85
N HIS A 234 14.38 11.33 21.13
CA HIS A 234 14.03 10.04 21.72
C HIS A 234 14.78 8.89 21.05
N PRO A 235 16.12 8.89 21.11
CA PRO A 235 16.89 7.83 20.46
C PRO A 235 16.56 6.46 21.04
N LEU A 236 16.64 5.42 20.19
CA LEU A 236 16.26 4.09 20.55
C LEU A 236 17.53 3.22 20.68
N PRO A 237 17.38 2.00 21.23
CA PRO A 237 18.58 1.18 21.37
C PRO A 237 19.14 0.84 19.98
N GLU A 238 20.46 0.72 19.88
CA GLU A 238 21.16 0.35 18.65
C GLU A 238 20.66 -0.97 18.06
N ASP A 239 20.26 -1.89 18.92
CA ASP A 239 19.76 -3.19 18.50
C ASP A 239 18.30 -3.26 18.05
N ILE A 240 17.56 -2.15 18.03
CA ILE A 240 16.10 -2.22 17.91
C ILE A 240 15.60 -2.82 16.60
N VAL A 241 16.29 -2.55 15.50
CA VAL A 241 15.87 -3.11 14.22
C VAL A 241 16.14 -4.62 14.16
N GLU A 242 17.35 -5.02 14.54
CA GLU A 242 17.68 -6.47 14.56
C GLU A 242 16.77 -7.28 15.47
N LYS A 243 16.47 -6.72 16.64
CA LYS A 243 15.61 -7.36 17.61
C LYS A 243 14.21 -7.55 17.06
N ASN A 244 13.65 -6.49 16.47
CA ASN A 244 12.32 -6.55 15.80
C ASN A 244 12.23 -7.55 14.66
N VAL A 245 13.28 -7.64 13.82
CA VAL A 245 13.33 -8.64 12.74
C VAL A 245 13.40 -10.05 13.32
N ALA A 246 14.30 -10.28 14.28
CA ALA A 246 14.46 -11.66 14.80
C ALA A 246 13.20 -12.15 15.50
N SER A 247 12.62 -11.28 16.29
CA SER A 247 11.45 -11.59 17.10
C SER A 247 10.29 -11.91 16.17
N THR A 248 10.18 -11.14 15.09
CA THR A 248 9.08 -11.33 14.16
C THR A 248 9.20 -12.63 13.39
N TYR A 249 10.42 -13.00 13.02
CA TYR A 249 10.65 -14.26 12.37
C TYR A 249 10.20 -15.42 13.28
N LYS A 250 10.35 -15.24 14.58
CA LYS A 250 9.97 -16.27 15.56
C LYS A 250 8.52 -16.24 16.04
N MET A 251 7.83 -15.13 15.83
CA MET A 251 6.42 -15.04 16.17
C MET A 251 5.53 -15.82 15.15
N PRO A 252 4.48 -16.49 15.64
CA PRO A 252 3.57 -17.11 14.65
C PRO A 252 3.01 -16.08 13.63
N PRO A 253 2.72 -16.52 12.40
CA PRO A 253 2.11 -15.54 11.48
C PRO A 253 0.96 -14.74 12.09
N TYR A 254 1.02 -13.45 11.89
CA TYR A 254 0.18 -12.53 12.62
C TYR A 254 -0.52 -11.52 11.69
N LYS A 255 -1.79 -11.26 12.03
CA LYS A 255 -2.63 -10.29 11.36
C LYS A 255 -2.70 -9.00 12.17
N THR A 256 -2.18 -7.92 11.60
CA THR A 256 -2.07 -6.64 12.34
C THR A 256 -3.40 -6.04 12.62
N SER A 257 -3.47 -5.14 13.59
CA SER A 257 -4.71 -4.49 13.97
C SER A 257 -5.23 -3.58 12.86
N MET A 258 -4.32 -2.99 12.07
CA MET A 258 -4.72 -2.27 10.89
C MET A 258 -5.44 -3.10 9.82
N LEU A 259 -4.96 -4.30 9.58
CA LEU A 259 -5.61 -5.21 8.69
C LEU A 259 -6.99 -5.68 9.22
N VAL A 260 -7.06 -5.96 10.52
CA VAL A 260 -8.32 -6.27 11.18
C VAL A 260 -9.31 -5.13 10.91
N ASP A 261 -8.92 -3.86 11.13
CA ASP A 261 -9.74 -2.68 10.86
C ASP A 261 -10.15 -2.58 9.39
N PHE A 262 -9.18 -2.75 8.50
CA PHE A 262 -9.46 -2.67 7.06
C PHE A 262 -10.52 -3.71 6.65
N GLU A 263 -10.36 -4.95 7.10
CA GLU A 263 -11.28 -6.01 6.75
C GLU A 263 -12.68 -5.74 7.29
N ALA A 264 -12.75 -5.12 8.49
CA ALA A 264 -14.00 -4.73 9.14
C ALA A 264 -14.63 -3.48 8.54
N GLY A 265 -13.91 -2.69 7.76
CA GLY A 265 -14.43 -1.42 7.24
C GLY A 265 -14.40 -0.30 8.29
N GLN A 266 -13.67 -0.53 9.36
CA GLN A 266 -13.48 0.47 10.42
C GLN A 266 -12.37 1.44 10.03
N PRO A 267 -12.42 2.67 10.57
CA PRO A 267 -11.35 3.58 10.25
C PRO A 267 -10.01 3.07 10.74
N MET A 268 -8.98 3.33 9.98
CA MET A 268 -7.67 2.79 10.32
C MET A 268 -6.90 3.89 11.01
N GLU A 269 -5.88 3.48 11.74
CA GLU A 269 -5.00 4.37 12.50
C GLU A 269 -3.82 4.93 11.69
N THR A 270 -4.04 5.14 10.40
CA THR A 270 -3.04 5.71 9.50
C THR A 270 -2.36 6.99 10.03
N GLU A 271 -3.17 7.95 10.42
CA GLU A 271 -2.66 9.21 10.82
C GLU A 271 -1.86 9.17 12.14
N VAL A 272 -2.31 8.45 13.15
CA VAL A 272 -1.57 8.50 14.41
C VAL A 272 -0.38 7.57 14.39
N ILE A 273 -0.43 6.49 13.60
CA ILE A 273 0.73 5.58 13.54
C ILE A 273 1.73 6.07 12.50
N LEU A 274 1.29 6.32 11.27
CA LEU A 274 2.21 6.61 10.17
C LEU A 274 2.32 8.11 9.90
N GLY A 275 1.19 8.77 9.77
CA GLY A 275 1.16 10.24 9.45
C GLY A 275 1.94 11.04 10.48
N ASN A 276 1.72 10.73 11.78
CA ASN A 276 2.45 11.47 12.84
C ASN A 276 3.98 11.22 12.79
N ALA A 277 4.39 10.02 12.42
CA ALA A 277 5.81 9.75 12.24
C ALA A 277 6.38 10.52 11.05
N VAL A 278 5.66 10.48 9.92
CA VAL A 278 6.05 11.32 8.75
C VAL A 278 6.22 12.78 9.13
N ARG A 279 5.21 13.33 9.77
CA ARG A 279 5.26 14.74 10.20
C ARG A 279 6.38 15.05 11.18
N ALA A 280 6.70 14.11 12.07
CA ALA A 280 7.84 14.28 12.96
C ALA A 280 9.14 14.27 12.19
N GLY A 281 9.21 13.47 11.14
CA GLY A 281 10.42 13.40 10.31
C GLY A 281 10.58 14.68 9.47
N ARG A 282 9.49 15.19 8.95
CA ARG A 282 9.52 16.42 8.18
C ARG A 282 9.99 17.59 9.04
N ARG A 283 9.42 17.72 10.23
CA ARG A 283 9.76 18.82 11.18
C ARG A 283 11.22 18.84 11.52
N THR A 284 11.84 17.65 11.58
CA THR A 284 13.22 17.52 11.91
C THR A 284 14.13 17.28 10.73
N ARG A 285 13.64 17.37 9.49
CA ARG A 285 14.49 17.23 8.29
C ARG A 285 15.20 15.90 8.15
N VAL A 286 14.59 14.83 8.64
CA VAL A 286 15.14 13.51 8.46
C VAL A 286 14.63 13.01 7.09
N ALA A 287 15.53 12.43 6.30
CA ALA A 287 15.18 11.85 5.01
C ALA A 287 14.37 10.56 5.26
N ILE A 288 13.11 10.58 4.83
CA ILE A 288 12.15 9.48 5.08
C ILE A 288 11.37 9.07 3.80
N PRO A 289 12.09 8.84 2.68
CA PRO A 289 11.40 8.53 1.43
C PRO A 289 10.56 7.25 1.46
N HIS A 290 10.97 6.22 2.23
CA HIS A 290 10.16 5.00 2.35
C HIS A 290 8.90 5.27 3.14
N LEU A 291 9.00 5.95 4.28
CA LEU A 291 7.78 6.31 5.04
C LEU A 291 6.84 7.21 4.23
N GLU A 292 7.38 8.18 3.47
CA GLU A 292 6.53 9.07 2.66
C GLU A 292 5.80 8.25 1.61
N SER A 293 6.51 7.26 1.06
CA SER A 293 5.92 6.43 0.01
C SER A 293 4.74 5.62 0.53
N VAL A 294 4.97 4.98 1.66
CA VAL A 294 3.95 4.14 2.28
C VAL A 294 2.76 5.01 2.71
N TYR A 295 3.05 6.16 3.26
CA TYR A 295 2.00 7.06 3.68
C TYR A 295 1.11 7.57 2.49
N ALA A 296 1.75 8.01 1.42
CA ALA A 296 1.02 8.45 0.22
C ALA A 296 0.15 7.32 -0.32
N LEU A 297 0.67 6.09 -0.32
CA LEU A 297 -0.12 4.95 -0.80
C LEU A 297 -1.29 4.65 0.14
N MET A 298 -1.05 4.75 1.45
CA MET A 298 -2.16 4.60 2.42
C MET A 298 -3.27 5.63 2.17
N LYS A 299 -2.90 6.85 1.92
CA LYS A 299 -3.91 7.88 1.74
C LYS A 299 -4.68 7.64 0.44
N LEU A 300 -4.01 7.14 -0.60
CA LEU A 300 -4.68 6.82 -1.90
C LEU A 300 -5.65 5.66 -1.73
N LEU A 301 -5.20 4.61 -1.02
CA LEU A 301 -6.08 3.51 -0.68
C LEU A 301 -7.30 3.98 0.11
N GLU A 302 -7.09 4.82 1.11
CA GLU A 302 -8.19 5.37 1.90
C GLU A 302 -9.21 6.15 1.04
N LEU A 303 -8.67 6.89 0.08
CA LEU A 303 -9.51 7.63 -0.86
C LEU A 303 -10.36 6.68 -1.69
N ARG A 304 -9.77 5.61 -2.20
CA ARG A 304 -10.55 4.61 -2.96
C ARG A 304 -11.62 3.96 -2.09
N THR A 305 -11.24 3.61 -0.86
CA THR A 305 -12.10 2.94 0.08
C THR A 305 -13.33 3.79 0.37
N SER A 306 -13.18 5.13 0.39
CA SER A 306 -14.28 6.06 0.65
C SER A 306 -15.27 6.33 -0.49
N LYS A 307 -15.06 5.74 -1.66
CA LYS A 307 -15.98 5.93 -2.78
C LYS A 307 -17.34 5.22 -2.58
N SER A 308 -18.42 5.84 -3.07
CA SER A 308 -19.78 5.25 -2.99
C SER A 308 -20.00 4.10 -3.99
N LEU A 309 -20.84 3.12 -3.64
CA LEU A 309 -21.32 2.08 -4.60
C LEU A 309 -22.09 2.72 -5.72
N TRP A 310 -22.58 3.92 -5.49
CA TRP A 310 -23.42 4.55 -6.48
C TRP A 310 -22.64 5.21 -7.63
N GLY A 311 -21.32 5.32 -7.53
CA GLY A 311 -20.56 6.07 -8.52
C GLY A 311 -20.71 7.56 -8.28
N ASN A 312 -20.23 8.37 -9.21
CA ASN A 312 -20.21 9.84 -8.99
C ASN A 312 -21.60 10.43 -9.16
N ASN B 4 5.29 -11.09 -44.87
CA ASN B 4 5.08 -12.42 -44.21
C ASN B 4 5.47 -12.36 -42.71
N ILE B 5 4.49 -12.61 -41.85
CA ILE B 5 4.59 -12.24 -40.43
C ILE B 5 4.15 -13.38 -39.51
N LEU B 6 5.01 -13.75 -38.56
CA LEU B 6 4.67 -14.72 -37.50
C LEU B 6 4.43 -14.01 -36.17
N VAL B 7 3.19 -14.04 -35.69
CA VAL B 7 2.87 -13.58 -34.36
C VAL B 7 2.97 -14.77 -33.41
N ILE B 8 3.57 -14.53 -32.25
CA ILE B 8 3.60 -15.53 -31.17
C ILE B 8 2.57 -15.16 -30.13
N GLY B 9 1.51 -15.97 -30.03
CA GLY B 9 0.47 -15.76 -29.02
C GLY B 9 -0.58 -14.74 -29.42
N THR B 10 -1.69 -14.77 -28.71
CA THR B 10 -2.92 -14.13 -29.15
C THR B 10 -3.50 -13.12 -28.13
N GLY B 11 -2.62 -12.43 -27.40
CA GLY B 11 -3.02 -11.34 -26.49
C GLY B 11 -3.37 -10.04 -27.24
N ALA B 12 -3.84 -9.06 -26.49
CA ALA B 12 -4.42 -7.83 -27.07
C ALA B 12 -3.45 -7.06 -27.95
N ILE B 13 -2.18 -7.08 -27.59
CA ILE B 13 -1.16 -6.33 -28.30
C ILE B 13 -0.75 -7.07 -29.57
N GLY B 14 -0.34 -8.34 -29.42
CA GLY B 14 0.03 -9.16 -30.59
C GLY B 14 -1.08 -9.26 -31.62
N SER B 15 -2.31 -9.40 -31.15
CA SER B 15 -3.45 -9.55 -32.04
C SER B 15 -3.81 -8.20 -32.68
N PHE B 16 -3.66 -7.12 -31.93
CA PHE B 16 -4.05 -5.82 -32.46
C PHE B 16 -3.10 -5.42 -33.60
N TYR B 17 -1.79 -5.50 -33.37
CA TYR B 17 -0.79 -5.14 -34.38
C TYR B 17 -0.68 -6.18 -35.53
N GLY B 18 -0.86 -7.46 -35.20
CA GLY B 18 -0.95 -8.50 -36.22
C GLY B 18 -2.08 -8.24 -37.21
N ALA B 19 -3.27 -7.97 -36.67
CA ALA B 19 -4.48 -7.70 -37.48
C ALA B 19 -4.36 -6.44 -38.33
N LEU B 20 -3.62 -5.44 -37.85
CA LEU B 20 -3.37 -4.25 -38.66
C LEU B 20 -2.53 -4.57 -39.90
N LEU B 21 -1.51 -5.41 -39.74
CA LEU B 21 -0.68 -5.85 -40.85
C LEU B 21 -1.45 -6.81 -41.78
N ALA B 22 -2.39 -7.56 -41.21
CA ALA B 22 -3.29 -8.40 -42.01
C ALA B 22 -4.21 -7.59 -42.92
N LYS B 23 -4.72 -6.46 -42.43
CA LYS B 23 -5.59 -5.57 -43.19
C LYS B 23 -4.96 -5.17 -44.51
N THR B 24 -3.86 -4.42 -44.44
CA THR B 24 -3.19 -3.88 -45.62
C THR B 24 -2.94 -4.95 -46.70
N GLY B 25 -2.56 -6.15 -46.25
CA GLY B 25 -2.40 -7.31 -47.13
C GLY B 25 -1.04 -7.95 -46.97
N HIS B 26 -0.72 -8.34 -45.73
CA HIS B 26 0.47 -9.13 -45.43
C HIS B 26 0.01 -10.51 -45.00
N CYS B 27 0.91 -11.48 -45.05
CA CYS B 27 0.56 -12.87 -44.80
C CYS B 27 0.90 -13.26 -43.36
N VAL B 28 -0.08 -13.10 -42.45
CA VAL B 28 0.18 -13.17 -41.02
C VAL B 28 -0.40 -14.44 -40.35
N SER B 29 0.50 -15.24 -39.79
CA SER B 29 0.14 -16.41 -38.98
C SER B 29 0.35 -16.14 -37.49
N VAL B 30 -0.22 -17.01 -36.67
CA VAL B 30 -0.13 -16.96 -35.22
C VAL B 30 0.30 -18.32 -34.65
N VAL B 31 1.24 -18.30 -33.70
CA VAL B 31 1.53 -19.50 -32.90
C VAL B 31 0.78 -19.35 -31.58
N SER B 32 -0.24 -20.19 -31.36
CA SER B 32 -1.11 -20.04 -30.19
C SER B 32 -1.13 -21.27 -29.27
N ARG B 33 -1.35 -21.01 -27.99
CA ARG B 33 -1.34 -22.03 -26.95
C ARG B 33 -2.72 -22.13 -26.29
N SER B 34 -3.07 -21.09 -25.52
CA SER B 34 -4.28 -21.05 -24.68
C SER B 34 -5.56 -20.98 -25.50
N ASP B 35 -5.47 -20.33 -26.66
CA ASP B 35 -6.62 -20.02 -27.51
C ASP B 35 -6.53 -20.75 -28.87
N TYR B 36 -5.75 -21.83 -28.92
CA TYR B 36 -5.46 -22.54 -30.19
C TYR B 36 -6.74 -22.93 -30.92
N GLU B 37 -7.63 -23.58 -30.18
CA GLU B 37 -8.86 -24.13 -30.73
C GLU B 37 -9.78 -23.02 -31.26
N THR B 38 -9.92 -21.93 -30.50
CA THR B 38 -10.87 -20.87 -30.84
C THR B 38 -10.44 -19.97 -32.02
N VAL B 39 -9.13 -19.80 -32.21
CA VAL B 39 -8.62 -18.92 -33.28
C VAL B 39 -8.47 -19.67 -34.62
N LYS B 40 -8.11 -20.95 -34.57
CA LYS B 40 -8.02 -21.75 -35.80
C LYS B 40 -9.37 -21.84 -36.52
N ALA B 41 -10.45 -21.74 -35.76
CA ALA B 41 -11.78 -21.54 -36.34
C ALA B 41 -12.08 -20.04 -36.40
N LYS B 42 -12.73 -19.52 -35.37
CA LYS B 42 -13.42 -18.23 -35.45
C LYS B 42 -12.51 -17.00 -35.71
N GLY B 43 -11.20 -17.14 -35.50
CA GLY B 43 -10.27 -16.03 -35.68
C GLY B 43 -10.33 -15.08 -34.49
N ILE B 44 -9.82 -13.86 -34.68
CA ILE B 44 -9.84 -12.80 -33.67
C ILE B 44 -10.63 -11.60 -34.17
N ARG B 45 -11.57 -11.11 -33.37
CA ARG B 45 -12.37 -9.93 -33.74
C ARG B 45 -11.85 -8.67 -33.05
N ILE B 46 -11.30 -7.75 -33.85
CA ILE B 46 -10.86 -6.44 -33.35
C ILE B 46 -11.98 -5.41 -33.52
N ARG B 47 -12.49 -4.90 -32.40
CA ARG B 47 -13.56 -3.89 -32.38
C ARG B 47 -13.01 -2.52 -31.98
N SER B 48 -13.34 -1.48 -32.75
CA SER B 48 -12.79 -0.15 -32.53
C SER B 48 -13.66 0.99 -33.11
N ALA B 49 -13.95 1.99 -32.28
CA ALA B 49 -14.79 3.13 -32.66
C ALA B 49 -14.02 4.30 -33.27
N THR B 50 -12.72 4.42 -32.95
CA THR B 50 -11.87 5.45 -33.53
C THR B 50 -11.36 5.01 -34.91
N LEU B 51 -11.07 3.71 -35.06
CA LEU B 51 -10.66 3.15 -36.36
C LEU B 51 -11.85 2.52 -37.08
N GLY B 52 -12.29 1.36 -36.60
CA GLY B 52 -13.36 0.59 -37.24
C GLY B 52 -13.36 -0.85 -36.78
N ASP B 53 -14.41 -1.59 -37.14
CA ASP B 53 -14.50 -3.02 -36.81
C ASP B 53 -13.80 -3.86 -37.90
N TYR B 54 -13.13 -4.92 -37.46
CA TYR B 54 -12.40 -5.81 -38.36
C TYR B 54 -12.25 -7.18 -37.72
N THR B 55 -12.14 -8.22 -38.56
CA THR B 55 -11.95 -9.58 -38.10
C THR B 55 -10.66 -10.16 -38.67
N PHE B 56 -9.88 -10.81 -37.81
CA PHE B 56 -8.56 -11.31 -38.17
C PHE B 56 -8.55 -12.84 -38.22
N ARG B 57 -8.42 -13.38 -39.43
CA ARG B 57 -8.31 -14.82 -39.67
C ARG B 57 -6.91 -15.08 -40.25
N PRO B 58 -5.99 -15.63 -39.44
CA PRO B 58 -4.60 -15.79 -39.89
C PRO B 58 -4.39 -16.77 -41.05
N ALA B 59 -3.25 -16.65 -41.75
CA ALA B 59 -2.90 -17.59 -42.83
C ALA B 59 -2.65 -19.00 -42.30
N ALA B 60 -2.25 -19.13 -41.03
CA ALA B 60 -2.14 -20.45 -40.37
C ALA B 60 -1.99 -20.35 -38.84
N VAL B 61 -2.26 -21.47 -38.16
CA VAL B 61 -2.17 -21.60 -36.70
C VAL B 61 -1.36 -22.84 -36.32
N VAL B 62 -0.09 -22.66 -35.93
CA VAL B 62 0.75 -23.81 -35.52
C VAL B 62 1.06 -23.80 -34.00
N ARG B 63 1.62 -24.91 -33.52
CA ARG B 63 1.87 -25.09 -32.09
C ARG B 63 3.26 -24.58 -31.74
N ASP B 73 9.85 -14.11 -42.03
CA ASP B 73 10.42 -12.79 -42.35
C ASP B 73 10.52 -11.89 -41.12
N CYS B 74 9.38 -11.68 -40.45
CA CYS B 74 9.30 -10.93 -39.17
C CYS B 74 8.46 -11.70 -38.17
N THR B 75 9.00 -11.87 -36.96
CA THR B 75 8.30 -12.57 -35.89
C THR B 75 8.00 -11.59 -34.75
N LEU B 76 6.70 -11.34 -34.50
CA LEU B 76 6.23 -10.43 -33.44
C LEU B 76 6.00 -11.16 -32.09
N LEU B 77 6.86 -10.87 -31.11
CA LEU B 77 6.69 -11.42 -29.76
C LEU B 77 6.22 -10.26 -28.89
N CYS B 78 5.06 -10.42 -28.26
CA CYS B 78 4.32 -9.26 -27.78
C CYS B 78 3.78 -9.42 -26.37
N ASP B 86 8.65 -17.56 -21.03
CA ASP B 86 9.46 -18.38 -21.93
C ASP B 86 9.63 -17.67 -23.26
N ARG B 87 10.32 -16.53 -23.24
CA ARG B 87 10.52 -15.72 -24.43
C ARG B 87 11.54 -16.34 -25.39
N VAL B 88 12.76 -16.55 -24.91
CA VAL B 88 13.80 -17.25 -25.67
C VAL B 88 13.21 -18.49 -26.34
N GLY B 89 12.58 -19.35 -25.55
CA GLY B 89 12.00 -20.61 -26.02
C GLY B 89 10.82 -20.48 -26.97
N LEU B 90 10.03 -19.41 -26.83
CA LEU B 90 8.91 -19.19 -27.76
C LEU B 90 9.37 -18.86 -29.18
N LEU B 91 10.58 -18.30 -29.31
CA LEU B 91 11.21 -18.09 -30.62
C LEU B 91 12.21 -19.21 -30.96
N ARG B 92 12.17 -20.31 -30.20
CA ARG B 92 13.19 -21.38 -30.29
C ARG B 92 13.24 -22.10 -31.63
N ASP B 93 12.24 -21.87 -32.48
CA ASP B 93 12.25 -22.38 -33.85
C ASP B 93 11.65 -21.34 -34.83
N ALA B 94 11.97 -20.06 -34.60
CA ALA B 94 11.48 -18.96 -35.44
C ALA B 94 12.52 -17.85 -35.61
N VAL B 95 13.58 -18.11 -36.38
CA VAL B 95 14.59 -17.10 -36.71
C VAL B 95 15.70 -17.63 -37.63
N ALA B 96 15.75 -17.12 -38.86
CA ALA B 96 16.72 -17.58 -39.87
C ALA B 96 17.94 -16.66 -39.92
N GLY B 100 14.20 -10.95 -38.92
CA GLY B 100 13.84 -9.82 -38.02
C GLY B 100 12.91 -10.17 -36.86
N ILE B 101 13.36 -9.94 -35.62
CA ILE B 101 12.54 -10.16 -34.42
C ILE B 101 11.93 -8.82 -33.94
N VAL B 102 10.61 -8.78 -33.81
CA VAL B 102 9.91 -7.58 -33.38
C VAL B 102 9.31 -7.78 -31.99
N LEU B 103 9.85 -7.06 -31.00
CA LEU B 103 9.45 -7.21 -29.62
C LEU B 103 8.61 -6.00 -29.22
N ILE B 104 7.31 -6.20 -29.06
CA ILE B 104 6.41 -5.11 -28.69
C ILE B 104 6.18 -5.25 -27.21
N SER B 105 6.63 -4.28 -26.44
CA SER B 105 6.54 -4.37 -24.98
C SER B 105 6.26 -3.01 -24.44
N ASN B 106 5.58 -2.97 -23.28
CA ASN B 106 5.33 -1.71 -22.60
C ASN B 106 6.49 -1.27 -21.65
N GLY B 107 7.46 -2.14 -21.41
CA GLY B 107 8.43 -1.89 -20.35
C GLY B 107 9.77 -1.31 -20.77
N ILE B 108 10.79 -1.58 -19.96
CA ILE B 108 12.13 -1.09 -20.25
C ILE B 108 13.13 -2.23 -20.13
N ASP B 109 14.17 -2.18 -20.94
CA ASP B 109 15.27 -3.14 -20.88
C ASP B 109 14.76 -4.55 -21.21
N ILE B 110 13.82 -4.65 -22.14
CA ILE B 110 13.23 -5.95 -22.53
C ILE B 110 14.04 -6.67 -23.64
N GLU B 111 14.98 -5.96 -24.25
CA GLU B 111 15.70 -6.47 -25.44
C GLU B 111 16.95 -7.32 -25.22
N PRO B 112 17.80 -6.95 -24.23
CA PRO B 112 19.10 -7.63 -24.15
C PRO B 112 19.03 -9.14 -24.11
N GLU B 113 18.13 -9.65 -23.28
CA GLU B 113 17.98 -11.10 -23.08
C GLU B 113 17.81 -11.83 -24.44
N VAL B 114 16.89 -11.30 -25.26
CA VAL B 114 16.61 -11.82 -26.60
C VAL B 114 17.75 -11.57 -27.61
N ALA B 115 18.32 -10.38 -27.61
CA ALA B 115 19.42 -10.10 -28.51
C ALA B 115 20.57 -11.09 -28.30
N ALA B 116 21.00 -11.28 -27.05
CA ALA B 116 22.14 -12.16 -26.72
C ALA B 116 22.04 -13.55 -27.33
N ALA B 117 20.82 -14.11 -27.32
CA ALA B 117 20.55 -15.45 -27.83
C ALA B 117 20.51 -15.53 -29.37
N PHE B 118 20.11 -14.46 -30.03
CA PHE B 118 20.03 -14.44 -31.50
C PHE B 118 20.86 -13.30 -32.10
N PRO B 119 22.17 -13.27 -31.81
CA PRO B 119 22.97 -12.17 -32.32
C PRO B 119 23.15 -12.31 -33.83
N GLU B 122 18.24 -9.50 -36.49
CA GLU B 122 17.92 -8.10 -36.24
C GLU B 122 16.83 -7.98 -35.21
N VAL B 123 17.04 -7.11 -34.24
CA VAL B 123 15.99 -6.84 -33.23
C VAL B 123 15.35 -5.50 -33.44
N ILE B 124 14.05 -5.53 -33.63
CA ILE B 124 13.23 -4.37 -33.87
C ILE B 124 12.43 -4.19 -32.55
N SER B 125 12.68 -3.11 -31.85
CA SER B 125 12.01 -2.89 -30.56
C SER B 125 10.80 -2.04 -30.84
N GLY B 126 9.65 -2.44 -30.29
CA GLY B 126 8.38 -1.80 -30.48
C GLY B 126 7.78 -1.30 -29.17
N LEU B 127 7.52 -0.02 -29.14
CA LEU B 127 6.90 0.61 -27.98
C LEU B 127 5.54 1.08 -28.39
N ALA B 128 4.50 0.46 -27.85
CA ALA B 128 3.12 0.77 -28.18
C ALA B 128 2.48 1.76 -27.19
N PHE B 129 1.75 2.72 -27.72
CA PHE B 129 0.94 3.64 -26.92
C PHE B 129 -0.50 3.42 -27.30
N ILE B 130 -1.23 2.79 -26.41
CA ILE B 130 -2.52 2.25 -26.76
C ILE B 130 -3.23 1.79 -25.51
N GLY B 131 -4.53 2.13 -25.46
CA GLY B 131 -5.49 1.52 -24.54
C GLY B 131 -6.29 0.48 -25.30
N VAL B 132 -5.81 -0.77 -25.26
CA VAL B 132 -6.49 -1.90 -25.87
C VAL B 132 -6.55 -3.06 -24.87
N THR B 133 -7.71 -3.73 -24.85
CA THR B 133 -8.04 -4.76 -23.86
C THR B 133 -8.67 -5.99 -24.55
N ARG B 134 -8.26 -7.18 -24.09
CA ARG B 134 -8.84 -8.46 -24.53
C ARG B 134 -10.01 -8.86 -23.63
N THR B 135 -11.24 -8.68 -24.12
CA THR B 135 -12.43 -8.88 -23.30
C THR B 135 -12.80 -10.37 -23.20
N ALA B 136 -12.42 -11.15 -24.21
CA ALA B 136 -12.66 -12.59 -24.23
C ALA B 136 -11.70 -13.22 -25.24
N PRO B 137 -11.56 -14.55 -25.26
CA PRO B 137 -10.79 -15.15 -26.35
C PRO B 137 -11.37 -14.74 -27.70
N GLY B 138 -10.50 -14.26 -28.59
CA GLY B 138 -10.91 -13.77 -29.90
C GLY B 138 -11.60 -12.41 -29.91
N GLU B 139 -11.58 -11.71 -28.76
CA GLU B 139 -12.29 -10.42 -28.63
C GLU B 139 -11.39 -9.31 -28.07
N ILE B 140 -11.07 -8.33 -28.91
CA ILE B 140 -10.19 -7.21 -28.53
C ILE B 140 -10.96 -5.88 -28.61
N TRP B 141 -10.74 -5.00 -27.63
CA TRP B 141 -11.38 -3.67 -27.58
C TRP B 141 -10.34 -2.54 -27.58
N HIS B 142 -10.22 -1.87 -28.73
CA HIS B 142 -9.40 -0.67 -28.90
C HIS B 142 -10.18 0.57 -28.43
N GLN B 143 -9.59 1.30 -27.47
CA GLN B 143 -10.20 2.51 -26.89
C GLN B 143 -9.54 3.80 -27.35
N ALA B 144 -8.23 3.91 -27.12
CA ALA B 144 -7.52 5.16 -27.35
C ALA B 144 -6.12 4.96 -27.91
N TYR B 145 -5.62 6.04 -28.53
CA TYR B 145 -4.27 6.11 -29.08
C TYR B 145 -4.07 5.02 -30.15
N GLY B 146 -2.89 4.40 -30.20
CA GLY B 146 -2.62 3.34 -31.19
C GLY B 146 -1.19 3.31 -31.70
N ARG B 147 -0.52 4.47 -31.62
CA ARG B 147 0.87 4.64 -32.02
C ARG B 147 1.79 3.47 -31.68
N LEU B 148 2.62 3.10 -32.63
CA LEU B 148 3.64 2.12 -32.41
C LEU B 148 4.90 2.80 -32.85
N MET B 149 5.85 2.85 -31.94
CA MET B 149 7.16 3.38 -32.25
C MET B 149 8.06 2.20 -32.43
N LEU B 150 8.90 2.22 -33.45
CA LEU B 150 9.79 1.10 -33.75
C LEU B 150 11.18 1.56 -34.06
N GLY B 151 12.18 0.82 -33.59
CA GLY B 151 13.58 1.07 -33.93
C GLY B 151 14.43 -0.10 -33.52
N ASN B 152 15.64 -0.17 -34.04
CA ASN B 152 16.57 -1.22 -33.63
C ASN B 152 17.07 -0.93 -32.23
N TYR B 153 17.45 -2.00 -31.54
CA TYR B 153 18.11 -1.95 -30.26
C TYR B 153 19.57 -2.22 -30.49
N PRO B 154 20.49 -1.52 -29.79
CA PRO B 154 20.31 -0.41 -28.87
C PRO B 154 19.86 0.90 -29.53
N GLY B 155 19.93 0.99 -30.84
CA GLY B 155 19.51 2.19 -31.57
C GLY B 155 19.71 1.98 -33.02
N GLY B 156 19.25 2.91 -33.84
CA GLY B 156 19.37 2.76 -35.26
C GLY B 156 18.02 2.44 -35.87
N VAL B 157 17.93 2.67 -37.18
CA VAL B 157 16.74 2.35 -37.97
C VAL B 157 17.17 1.76 -39.31
N SER B 158 16.85 0.48 -39.53
CA SER B 158 17.19 -0.21 -40.81
C SER B 158 16.04 -0.09 -41.78
N GLU B 159 16.24 -0.57 -43.01
CA GLU B 159 15.21 -0.47 -44.03
C GLU B 159 13.98 -1.26 -43.65
N ARG B 160 14.19 -2.46 -43.08
CA ARG B 160 13.12 -3.29 -42.56
C ARG B 160 12.24 -2.54 -41.55
N VAL B 161 12.91 -1.82 -40.65
CA VAL B 161 12.20 -1.02 -39.65
C VAL B 161 11.32 0.00 -40.36
N LYS B 162 11.87 0.67 -41.36
CA LYS B 162 11.11 1.69 -42.07
C LYS B 162 9.96 1.09 -42.85
N THR B 163 10.15 -0.12 -43.37
CA THR B 163 9.12 -0.80 -44.16
C THR B 163 8.00 -1.28 -43.26
N LEU B 164 8.36 -1.80 -42.08
CA LEU B 164 7.38 -2.13 -41.07
C LEU B 164 6.56 -0.92 -40.64
N ALA B 165 7.22 0.20 -40.38
CA ALA B 165 6.54 1.41 -39.91
C ALA B 165 5.56 1.94 -40.97
N ALA B 166 6.02 2.07 -42.21
CA ALA B 166 5.14 2.40 -43.32
C ALA B 166 3.94 1.46 -43.36
N ALA B 167 4.17 0.18 -43.11
CA ALA B 167 3.09 -0.78 -43.14
C ALA B 167 2.03 -0.44 -42.11
N PHE B 168 2.46 -0.10 -40.88
CA PHE B 168 1.51 0.29 -39.82
C PHE B 168 0.82 1.62 -40.11
N GLU B 169 1.57 2.58 -40.65
CA GLU B 169 1.00 3.88 -41.08
C GLU B 169 -0.09 3.68 -42.10
N GLU B 170 0.16 2.79 -43.06
CA GLU B 170 -0.81 2.48 -44.08
C GLU B 170 -2.10 2.00 -43.43
N ALA B 171 -1.97 1.11 -42.44
CA ALA B 171 -3.11 0.56 -41.73
C ALA B 171 -3.86 1.55 -40.81
N GLY B 172 -3.35 2.78 -40.66
CA GLY B 172 -4.14 3.86 -40.03
C GLY B 172 -3.55 4.55 -38.81
N ILE B 173 -2.62 3.89 -38.13
CA ILE B 173 -2.06 4.38 -36.87
C ILE B 173 -0.72 5.07 -37.10
N ASP B 174 -0.23 5.81 -36.11
CA ASP B 174 1.14 6.28 -36.15
C ASP B 174 2.05 5.07 -36.14
N GLY B 175 2.86 4.93 -37.18
CA GLY B 175 3.90 3.92 -37.25
C GLY B 175 5.21 4.67 -37.41
N ILE B 176 5.84 5.00 -36.28
CA ILE B 176 7.03 5.86 -36.23
C ILE B 176 8.31 5.07 -36.11
N ALA B 177 9.17 5.15 -37.12
CA ALA B 177 10.51 4.56 -37.03
C ALA B 177 11.46 5.51 -36.27
N THR B 178 12.07 5.07 -35.16
CA THR B 178 12.99 5.95 -34.40
C THR B 178 14.37 5.34 -34.23
N GLU B 179 15.39 6.19 -34.30
CA GLU B 179 16.74 5.76 -34.07
C GLU B 179 17.08 5.63 -32.59
N ASN B 180 16.22 6.10 -31.68
CA ASN B 180 16.50 6.05 -30.22
C ASN B 180 15.36 5.42 -29.40
N ILE B 181 15.09 4.16 -29.72
CA ILE B 181 13.93 3.47 -29.11
C ILE B 181 14.15 3.37 -27.61
N THR B 182 15.39 3.24 -27.17
CA THR B 182 15.66 3.00 -25.76
C THR B 182 15.36 4.25 -24.93
N THR B 183 15.81 5.42 -25.41
CA THR B 183 15.40 6.66 -24.77
C THR B 183 13.87 6.83 -24.78
N ALA B 184 13.22 6.57 -25.92
CA ALA B 184 11.76 6.55 -25.95
C ALA B 184 11.16 5.64 -24.87
N ARG B 185 11.74 4.46 -24.66
CA ARG B 185 11.18 3.61 -23.64
C ARG B 185 11.30 4.18 -22.26
N TRP B 186 12.46 4.72 -21.97
CA TRP B 186 12.63 5.44 -20.70
C TRP B 186 11.65 6.56 -20.55
N GLN B 187 11.41 7.31 -21.61
CA GLN B 187 10.49 8.41 -21.51
C GLN B 187 9.04 7.94 -21.15
N LYS B 188 8.56 6.88 -21.78
CA LYS B 188 7.26 6.30 -21.39
C LYS B 188 7.27 5.78 -19.96
N CYS B 189 8.40 5.25 -19.54
CA CYS B 189 8.55 4.66 -18.18
C CYS B 189 8.36 5.70 -17.07
N VAL B 190 8.74 6.98 -17.34
CA VAL B 190 8.38 8.09 -16.44
C VAL B 190 6.89 8.08 -16.06
N TRP B 191 6.02 7.84 -17.02
CA TRP B 191 4.60 7.79 -16.72
C TRP B 191 4.20 6.44 -16.17
N ASN B 192 4.58 5.39 -16.85
CA ASN B 192 4.17 4.02 -16.49
C ASN B 192 4.55 3.64 -15.09
N ALA B 193 5.77 4.00 -14.65
CA ALA B 193 6.31 3.58 -13.39
C ALA B 193 5.60 4.21 -12.22
N ALA B 194 4.96 5.36 -12.44
CA ALA B 194 4.18 6.02 -11.45
C ALA B 194 2.74 5.56 -11.45
N PHE B 195 2.03 5.80 -12.55
CA PHE B 195 0.59 5.58 -12.52
C PHE B 195 0.15 4.13 -12.51
N ASN B 196 0.86 3.24 -13.21
CA ASN B 196 0.42 1.84 -13.28
C ASN B 196 0.41 1.20 -11.85
N PRO B 197 1.54 1.22 -11.14
CA PRO B 197 1.43 0.66 -9.75
C PRO B 197 0.57 1.44 -8.77
N LEU B 198 0.54 2.76 -8.86
CA LEU B 198 -0.32 3.53 -7.95
C LEU B 198 -1.81 3.25 -8.18
N SER B 199 -2.18 2.99 -9.42
CA SER B 199 -3.56 2.66 -9.75
C SER B 199 -3.98 1.31 -9.10
N VAL B 200 -3.05 0.33 -9.02
CA VAL B 200 -3.32 -1.02 -8.45
C VAL B 200 -3.23 -0.97 -6.90
N LEU B 201 -2.15 -0.39 -6.38
CA LEU B 201 -1.96 -0.37 -4.92
C LEU B 201 -2.99 0.46 -4.18
N SER B 202 -3.55 1.46 -4.85
CA SER B 202 -4.64 2.26 -4.31
C SER B 202 -6.00 1.55 -4.34
N GLY B 203 -6.08 0.36 -4.91
CA GLY B 203 -7.36 -0.36 -5.00
C GLY B 203 -8.23 0.06 -6.19
N GLY B 204 -7.62 0.76 -7.14
CA GLY B 204 -8.28 1.05 -8.42
C GLY B 204 -8.59 2.50 -8.71
N LEU B 205 -7.77 3.44 -8.25
CA LEU B 205 -8.04 4.84 -8.51
C LEU B 205 -7.67 5.19 -9.97
N ASP B 206 -8.39 6.19 -10.51
CA ASP B 206 -8.04 6.72 -11.84
C ASP B 206 -6.91 7.75 -11.72
N THR B 207 -6.30 8.06 -12.85
CA THR B 207 -5.13 8.90 -12.87
C THR B 207 -5.35 10.24 -12.26
N LEU B 208 -6.54 10.82 -12.44
CA LEU B 208 -6.81 12.16 -11.92
CA LEU B 208 -6.77 12.16 -11.92
C LEU B 208 -6.85 12.19 -10.39
N ASP B 209 -7.51 11.22 -9.78
CA ASP B 209 -7.51 11.06 -8.33
C ASP B 209 -6.05 10.90 -7.76
N ILE B 210 -5.22 10.13 -8.46
CA ILE B 210 -3.86 9.85 -7.97
C ILE B 210 -3.01 11.12 -8.04
N LEU B 211 -3.00 11.74 -9.20
CA LEU B 211 -2.21 12.94 -9.39
C LEU B 211 -2.68 14.13 -8.57
N SER B 212 -3.99 14.32 -8.49
CA SER B 212 -4.53 15.52 -7.85
C SER B 212 -4.33 15.48 -6.32
N THR B 213 -4.29 14.27 -5.74
CA THR B 213 -4.10 14.15 -4.27
C THR B 213 -2.69 13.79 -3.75
N GLN B 214 -1.82 13.28 -4.62
CA GLN B 214 -0.44 12.93 -4.24
C GLN B 214 0.54 13.32 -5.33
N GLU B 215 0.40 14.56 -5.80
CA GLU B 215 1.24 15.07 -6.89
C GLU B 215 2.71 15.00 -6.52
N GLY B 216 3.03 15.35 -5.27
CA GLY B 216 4.38 15.28 -4.78
C GLY B 216 5.04 13.88 -4.89
N PHE B 217 4.28 12.86 -4.55
CA PHE B 217 4.78 11.48 -4.62
C PHE B 217 4.96 11.05 -6.08
N VAL B 218 3.99 11.40 -6.92
CA VAL B 218 4.05 11.07 -8.33
C VAL B 218 5.33 11.69 -8.93
N ARG B 219 5.58 12.96 -8.59
CA ARG B 219 6.81 13.65 -9.07
C ARG B 219 8.06 13.02 -8.61
N ALA B 220 8.10 12.58 -7.33
CA ALA B 220 9.26 11.96 -6.74
C ALA B 220 9.61 10.68 -7.48
N ILE B 221 8.59 9.89 -7.85
CA ILE B 221 8.83 8.70 -8.65
C ILE B 221 9.36 9.06 -10.08
N MET B 222 8.73 10.03 -10.70
CA MET B 222 9.10 10.46 -12.04
C MET B 222 10.53 10.98 -12.11
N GLN B 223 10.95 11.67 -11.06
CA GLN B 223 12.31 12.22 -11.03
C GLN B 223 13.31 11.12 -10.87
N GLU B 224 12.97 10.10 -10.09
CA GLU B 224 13.83 8.93 -9.99
C GLU B 224 14.00 8.25 -11.32
N ILE B 225 12.91 8.06 -12.05
CA ILE B 225 13.02 7.43 -13.37
C ILE B 225 13.95 8.25 -14.34
N ARG B 226 13.77 9.55 -14.31
CA ARG B 226 14.58 10.48 -15.07
C ARG B 226 16.03 10.33 -14.72
N ALA B 227 16.38 10.21 -13.43
CA ALA B 227 17.77 10.12 -13.02
C ALA B 227 18.39 8.78 -13.39
N VAL B 228 17.64 7.69 -13.28
CA VAL B 228 18.09 6.39 -13.73
C VAL B 228 18.32 6.36 -15.27
N ALA B 229 17.40 6.93 -16.03
CA ALA B 229 17.54 6.99 -17.50
C ALA B 229 18.87 7.65 -17.89
N ALA B 230 19.11 8.82 -17.34
CA ALA B 230 20.38 9.56 -17.54
C ALA B 230 21.62 8.71 -17.11
N ALA B 231 21.55 8.08 -15.95
CA ALA B 231 22.65 7.27 -15.45
C ALA B 231 22.94 6.07 -16.32
N ASN B 232 21.95 5.65 -17.10
CA ASN B 232 22.08 4.56 -18.04
C ASN B 232 22.42 4.99 -19.44
N GLY B 233 22.65 6.27 -19.60
CA GLY B 233 23.10 6.86 -20.89
C GLY B 233 21.97 7.27 -21.80
N HIS B 234 20.76 7.40 -21.25
CA HIS B 234 19.58 7.75 -21.99
C HIS B 234 18.82 8.92 -21.37
N PRO B 235 19.51 10.06 -21.27
CA PRO B 235 18.84 11.21 -20.67
C PRO B 235 17.60 11.65 -21.36
N LEU B 236 16.61 12.14 -20.59
CA LEU B 236 15.32 12.50 -21.11
C LEU B 236 15.21 14.01 -21.32
N PRO B 237 14.19 14.48 -22.03
CA PRO B 237 14.00 15.96 -22.12
C PRO B 237 13.93 16.66 -20.76
N GLU B 238 14.54 17.86 -20.62
CA GLU B 238 14.68 18.53 -19.31
C GLU B 238 13.37 18.75 -18.48
N ASP B 239 12.29 19.04 -19.14
CA ASP B 239 11.06 19.33 -18.40
C ASP B 239 10.12 18.11 -18.47
N ILE B 240 10.71 16.90 -18.58
CA ILE B 240 9.90 15.72 -18.79
C ILE B 240 8.88 15.50 -17.66
N VAL B 241 9.29 15.66 -16.41
CA VAL B 241 8.37 15.52 -15.26
C VAL B 241 7.21 16.52 -15.35
N GLU B 242 7.49 17.81 -15.53
CA GLU B 242 6.39 18.77 -15.67
C GLU B 242 5.49 18.51 -16.86
N LYS B 243 6.06 18.08 -17.99
CA LYS B 243 5.26 17.74 -19.17
C LYS B 243 4.26 16.61 -18.89
N ASN B 244 4.73 15.55 -18.25
CA ASN B 244 3.86 14.42 -17.91
C ASN B 244 2.79 14.78 -16.85
N VAL B 245 3.11 15.65 -15.89
CA VAL B 245 2.14 16.11 -14.91
C VAL B 245 1.04 16.95 -15.62
N ALA B 246 1.49 17.94 -16.41
CA ALA B 246 0.55 18.81 -17.10
C ALA B 246 -0.31 18.01 -18.07
N SER B 247 0.29 17.09 -18.82
CA SER B 247 -0.51 16.32 -19.81
C SER B 247 -1.49 15.37 -19.15
N THR B 248 -1.12 14.82 -17.99
CA THR B 248 -2.04 13.92 -17.32
C THR B 248 -3.24 14.67 -16.73
N TYR B 249 -3.03 15.87 -16.24
CA TYR B 249 -4.15 16.68 -15.73
C TYR B 249 -5.15 17.04 -16.87
N LYS B 250 -4.71 16.93 -18.12
CA LYS B 250 -5.60 17.17 -19.26
C LYS B 250 -6.23 15.91 -19.88
N MET B 251 -5.60 14.73 -19.72
CA MET B 251 -6.21 13.44 -20.05
C MET B 251 -7.55 13.31 -19.31
N PRO B 252 -8.56 12.72 -19.95
CA PRO B 252 -9.75 12.42 -19.16
C PRO B 252 -9.41 11.33 -18.12
N PRO B 253 -10.04 11.37 -16.91
CA PRO B 253 -9.78 10.35 -15.88
C PRO B 253 -9.55 8.99 -16.53
N TYR B 254 -8.43 8.35 -16.23
CA TYR B 254 -7.99 7.16 -16.95
C TYR B 254 -7.72 5.88 -16.09
N LYS B 255 -8.11 4.72 -16.63
CA LYS B 255 -7.79 3.39 -16.07
C LYS B 255 -6.56 2.75 -16.73
N THR B 256 -5.50 2.53 -15.95
CA THR B 256 -4.25 2.05 -16.52
C THR B 256 -4.35 0.61 -16.94
N SER B 257 -3.41 0.19 -17.75
CA SER B 257 -3.37 -1.17 -18.28
C SER B 257 -3.04 -2.19 -17.17
N MET B 258 -2.24 -1.74 -16.20
CA MET B 258 -1.97 -2.57 -15.05
C MET B 258 -3.21 -2.85 -14.23
N LEU B 259 -4.03 -1.84 -14.08
CA LEU B 259 -5.27 -1.99 -13.35
C LEU B 259 -6.24 -2.93 -14.09
N VAL B 260 -6.38 -2.76 -15.41
CA VAL B 260 -7.13 -3.74 -16.24
C VAL B 260 -6.72 -5.18 -16.04
N ASP B 261 -5.40 -5.46 -16.08
CA ASP B 261 -4.86 -6.77 -15.80
C ASP B 261 -5.24 -7.21 -14.40
N PHE B 262 -5.00 -6.36 -13.41
CA PHE B 262 -5.32 -6.68 -12.01
C PHE B 262 -6.80 -7.05 -11.87
N GLU B 263 -7.70 -6.24 -12.42
CA GLU B 263 -9.12 -6.54 -12.34
C GLU B 263 -9.50 -7.82 -13.11
N ALA B 264 -8.69 -8.24 -14.08
CA ALA B 264 -8.99 -9.42 -14.90
C ALA B 264 -8.41 -10.69 -14.31
N GLY B 265 -7.67 -10.56 -13.20
CA GLY B 265 -6.98 -11.69 -12.60
C GLY B 265 -5.78 -12.14 -13.40
N GLN B 266 -5.28 -11.28 -14.29
CA GLN B 266 -4.15 -11.66 -15.14
C GLN B 266 -2.81 -11.11 -14.62
N PRO B 267 -1.70 -11.76 -15.00
CA PRO B 267 -0.38 -11.31 -14.60
C PRO B 267 -0.15 -9.92 -15.07
N MET B 268 0.52 -9.16 -14.24
CA MET B 268 0.77 -7.76 -14.52
C MET B 268 2.20 -7.59 -14.99
N GLU B 269 2.45 -6.43 -15.60
CA GLU B 269 3.76 -6.05 -16.18
C GLU B 269 4.72 -5.47 -15.16
N THR B 270 4.55 -5.86 -13.90
CA THR B 270 5.38 -5.34 -12.81
C THR B 270 6.88 -5.44 -13.08
N GLU B 271 7.32 -6.59 -13.59
CA GLU B 271 8.74 -6.79 -13.73
C GLU B 271 9.32 -5.97 -14.88
N VAL B 272 8.64 -5.88 -16.00
CA VAL B 272 9.27 -5.19 -17.14
C VAL B 272 9.12 -3.69 -17.00
N ILE B 273 8.09 -3.23 -16.31
CA ILE B 273 8.07 -1.79 -15.96
C ILE B 273 9.00 -1.50 -14.77
N LEU B 274 8.53 -1.86 -13.59
CA LEU B 274 9.10 -1.35 -12.42
C LEU B 274 10.35 -2.12 -11.97
N GLY B 275 10.32 -3.46 -12.04
CA GLY B 275 11.45 -4.25 -11.62
C GLY B 275 12.70 -3.89 -12.44
N ASN B 276 12.52 -3.81 -13.76
CA ASN B 276 13.65 -3.50 -14.67
C ASN B 276 14.23 -2.09 -14.41
N ALA B 277 13.34 -1.13 -14.13
CA ALA B 277 13.77 0.23 -13.69
C ALA B 277 14.54 0.23 -12.38
N VAL B 278 14.07 -0.53 -11.39
CA VAL B 278 14.76 -0.67 -10.15
C VAL B 278 16.15 -1.30 -10.35
N ARG B 279 16.22 -2.36 -11.14
CA ARG B 279 17.49 -3.06 -11.31
C ARG B 279 18.50 -2.15 -12.05
N ALA B 280 17.98 -1.36 -12.97
CA ALA B 280 18.78 -0.33 -13.70
C ALA B 280 19.32 0.74 -12.74
N GLY B 281 18.52 1.13 -11.77
CA GLY B 281 18.95 2.08 -10.74
C GLY B 281 19.98 1.49 -9.83
N ARG B 282 19.77 0.24 -9.39
CA ARG B 282 20.75 -0.40 -8.54
C ARG B 282 22.11 -0.52 -9.22
N ARG B 283 22.12 -0.82 -10.52
CA ARG B 283 23.40 -1.01 -11.25
C ARG B 283 24.20 0.27 -11.36
N THR B 284 23.52 1.39 -11.34
CA THR B 284 24.15 2.69 -11.55
C THR B 284 24.19 3.47 -10.26
N ARG B 285 23.87 2.81 -9.14
CA ARG B 285 23.88 3.41 -7.84
C ARG B 285 23.16 4.79 -7.79
N VAL B 286 22.00 4.91 -8.47
CA VAL B 286 21.12 6.11 -8.32
C VAL B 286 20.21 5.81 -7.10
N ALA B 287 20.03 6.80 -6.20
CA ALA B 287 19.10 6.65 -5.03
C ALA B 287 17.71 6.58 -5.60
N ILE B 288 17.06 5.46 -5.35
CA ILE B 288 15.70 5.19 -5.87
C ILE B 288 14.73 4.65 -4.80
N PRO B 289 14.66 5.32 -3.65
CA PRO B 289 13.82 4.76 -2.54
C PRO B 289 12.36 4.75 -2.84
N HIS B 290 11.84 5.71 -3.63
CA HIS B 290 10.43 5.68 -3.94
C HIS B 290 10.10 4.52 -4.88
N LEU B 291 10.88 4.34 -5.94
CA LEU B 291 10.75 3.15 -6.79
C LEU B 291 10.91 1.81 -6.04
N GLU B 292 11.85 1.74 -5.11
CA GLU B 292 12.10 0.50 -4.34
C GLU B 292 10.86 0.23 -3.49
N SER B 293 10.27 1.31 -2.98
CA SER B 293 9.09 1.17 -2.10
C SER B 293 7.88 0.63 -2.89
N VAL B 294 7.61 1.27 -4.03
CA VAL B 294 6.49 0.88 -4.86
C VAL B 294 6.70 -0.54 -5.37
N TYR B 295 7.90 -0.88 -5.79
CA TYR B 295 8.23 -2.22 -6.23
C TYR B 295 8.02 -3.32 -5.15
N ALA B 296 8.50 -3.08 -3.96
CA ALA B 296 8.32 -4.01 -2.87
C ALA B 296 6.85 -4.24 -2.57
N LEU B 297 6.07 -3.17 -2.54
CA LEU B 297 4.64 -3.25 -2.30
C LEU B 297 3.90 -3.97 -3.43
N MET B 298 4.27 -3.70 -4.67
CA MET B 298 3.73 -4.51 -5.79
C MET B 298 4.01 -5.97 -5.62
N LYS B 299 5.25 -6.32 -5.24
CA LYS B 299 5.62 -7.73 -5.06
C LYS B 299 4.84 -8.39 -3.94
N LEU B 300 4.58 -7.64 -2.89
CA LEU B 300 3.78 -8.13 -1.78
C LEU B 300 2.30 -8.36 -2.19
N LEU B 301 1.70 -7.38 -2.86
CA LEU B 301 0.35 -7.55 -3.48
C LEU B 301 0.29 -8.76 -4.43
N GLU B 302 1.29 -8.93 -5.30
CA GLU B 302 1.35 -10.11 -6.13
C GLU B 302 1.41 -11.43 -5.36
N LEU B 303 2.19 -11.45 -4.29
CA LEU B 303 2.35 -12.65 -3.47
C LEU B 303 0.99 -13.00 -2.90
N ARG B 304 0.25 -11.98 -2.42
CA ARG B 304 -1.08 -12.20 -1.84
C ARG B 304 -2.05 -12.73 -2.90
N THR B 305 -2.05 -12.08 -4.05
CA THR B 305 -2.88 -12.47 -5.21
C THR B 305 -2.57 -13.85 -5.72
N SER B 306 -1.33 -14.28 -5.59
CA SER B 306 -0.86 -15.57 -6.04
C SER B 306 -1.33 -16.75 -5.19
N LYS B 307 -1.89 -16.52 -4.02
CA LYS B 307 -2.08 -17.60 -3.06
C LYS B 307 -3.07 -18.62 -3.66
N SER B 308 -2.70 -19.89 -3.55
CA SER B 308 -3.51 -21.01 -4.01
C SER B 308 -4.63 -21.30 -3.04
N LEU B 309 -5.78 -21.70 -3.59
CA LEU B 309 -6.90 -22.16 -2.81
C LEU B 309 -6.47 -23.37 -1.97
N TRP B 310 -5.47 -24.10 -2.45
CA TRP B 310 -4.91 -25.29 -1.78
C TRP B 310 -4.17 -25.02 -0.49
N GLY B 311 -3.71 -23.76 -0.30
CA GLY B 311 -2.98 -23.37 0.91
C GLY B 311 -1.52 -23.79 0.94
C ACY C . -0.67 -4.25 15.91
O ACY C . -0.96 -3.05 15.82
OXT ACY C . -1.35 -5.17 15.37
CH3 ACY C . 0.57 -4.66 16.68
#